data_6E9U
#
_entry.id   6E9U
#
_cell.length_a   50.261
_cell.length_b   79.245
_cell.length_c   62.164
_cell.angle_alpha   90.00
_cell.angle_beta   95.19
_cell.angle_gamma   90.00
#
_symmetry.space_group_name_H-M   'P 1 21 1'
#
loop_
_entity.id
_entity.type
_entity.pdbx_description
1 polymer 'Bovine ultralong antibody BOV-7 heavy chain'
2 polymer 'Bovine ultralong antibody BOV-7 light chain'
3 water water
#
loop_
_entity_poly.entity_id
_entity_poly.type
_entity_poly.pdbx_seq_one_letter_code
_entity_poly.pdbx_strand_id
1 'polypeptide(L)'
;QVQLRESGPSLVKPSQTLSLTCTASGFSLSDKAVGWVRQAPGKALEWLGSIDTGGNAGYNPGLKSRLSITQDNSKSQVSL
SVSTVTTEDSATYYCTTVHQKTTKQKSCPEGWSFADRCYYGSGSCSGYDCYGDGDSGGCGAYSSYHCYTCTYCYEWYVDA
WGQGLLVTVSSASTTAPKVYPLSSCCGDKSSSTVTLGCLVSSYMPEPVTVTWNSGALKSGVHTFPAVLQSSGLYSLSSMV
TVPGSTSGQTFTCNVAHPASSTKVDKAVEPKSCDGS
;
A
2 'polypeptide(L)'
;EAVLNQPSSVSGSLGQRVSITCSGSSSNVGNGYVSWYQLIPGSAPRTLIYGDTSRASGVPDRFSGSRSGNTATLTISSLQ
AEDEADYFCASAEDSSSNAVFGSGTTLTVLGQPKSPPSVTLFPPSTEELNGNKATLVCLISDFYPGSVTVVWKADGSTIT
RNVETTRASKQSNSKYAASSYLSLTSSDWKSKGSYSCEVTHEGSTVTKTVKPSECS
;
B
#
# COMPACT_ATOMS: atom_id res chain seq x y z
N GLN A 1 4.74 -27.56 -4.79
CA GLN A 1 4.79 -26.15 -4.43
C GLN A 1 6.01 -25.47 -5.05
N VAL A 2 5.73 -24.44 -5.85
CA VAL A 2 6.74 -23.75 -6.63
C VAL A 2 7.42 -22.68 -5.78
N GLN A 3 8.75 -22.71 -5.73
CA GLN A 3 9.53 -21.82 -4.87
C GLN A 3 10.09 -20.65 -5.67
N LEU A 4 9.97 -19.44 -5.13
CA LEU A 4 10.40 -18.22 -5.80
C LEU A 4 11.30 -17.43 -4.87
N ARG A 5 12.46 -17.02 -5.37
CA ARG A 5 13.44 -16.27 -4.60
C ARG A 5 13.91 -15.07 -5.41
N GLU A 6 13.86 -13.89 -4.80
CA GLU A 6 14.26 -12.65 -5.46
C GLU A 6 15.70 -12.31 -5.08
N SER A 7 16.50 -11.94 -6.08
CA SER A 7 17.91 -11.61 -5.89
C SER A 7 18.23 -10.30 -6.59
N GLY A 8 19.03 -9.46 -5.93
CA GLY A 8 19.43 -8.19 -6.48
C GLY A 8 19.92 -7.22 -5.43
N PRO A 9 20.30 -6.01 -5.85
CA PRO A 9 20.80 -5.02 -4.90
C PRO A 9 19.67 -4.33 -4.14
N SER A 10 19.92 -4.06 -2.87
CA SER A 10 18.91 -3.39 -2.04
C SER A 10 18.92 -1.88 -2.25
N LEU A 11 20.06 -1.30 -2.59
CA LEU A 11 20.19 0.15 -2.78
C LEU A 11 20.64 0.43 -4.20
N VAL A 12 19.91 1.33 -4.87
CA VAL A 12 20.20 1.71 -6.25
C VAL A 12 20.14 3.24 -6.36
N LYS A 13 21.12 3.81 -7.05
CA LYS A 13 21.16 5.26 -7.22
C LYS A 13 20.17 5.71 -8.30
N PRO A 14 19.57 6.89 -8.13
CA PRO A 14 18.60 7.37 -9.12
C PRO A 14 19.26 7.60 -10.47
N SER A 15 18.45 7.49 -11.53
CA SER A 15 18.83 7.56 -12.94
C SER A 15 19.57 6.32 -13.40
N GLN A 16 19.83 5.35 -12.53
CA GLN A 16 20.41 4.09 -12.93
C GLN A 16 19.30 3.09 -13.30
N THR A 17 19.70 1.87 -13.63
CA THR A 17 18.76 0.82 -13.98
C THR A 17 18.65 -0.17 -12.82
N LEU A 18 17.43 -0.40 -12.36
CA LEU A 18 17.17 -1.36 -11.30
C LEU A 18 17.01 -2.75 -11.90
N SER A 19 17.93 -3.65 -11.55
CA SER A 19 17.94 -5.02 -12.08
C SER A 19 17.70 -6.00 -10.95
N LEU A 20 16.82 -6.97 -11.19
CA LEU A 20 16.50 -8.00 -10.22
C LEU A 20 16.38 -9.34 -10.93
N THR A 21 16.60 -10.41 -10.15
CA THR A 21 16.53 -11.77 -10.66
C THR A 21 15.64 -12.59 -9.74
N CYS A 22 14.85 -13.49 -10.33
CA CYS A 22 14.01 -14.41 -9.58
C CYS A 22 14.38 -15.84 -9.94
N THR A 23 14.67 -16.65 -8.93
CA THR A 23 15.00 -18.06 -9.10
C THR A 23 13.74 -18.88 -8.86
N ALA A 24 13.25 -19.53 -9.92
CA ALA A 24 12.04 -20.33 -9.87
C ALA A 24 12.35 -21.80 -10.00
N SER A 25 11.82 -22.61 -9.08
CA SER A 25 11.99 -24.05 -9.07
C SER A 25 10.63 -24.72 -8.91
N GLY A 26 10.57 -26.00 -9.24
CA GLY A 26 9.31 -26.69 -9.08
C GLY A 26 8.72 -27.11 -10.41
N PHE A 27 8.01 -28.23 -10.40
CA PHE A 27 7.45 -28.76 -11.65
C PHE A 27 6.34 -27.86 -12.19
N SER A 28 5.52 -27.30 -11.31
CA SER A 28 4.33 -26.60 -11.75
C SER A 28 4.62 -25.26 -12.41
N LEU A 29 5.89 -24.83 -12.44
CA LEU A 29 6.22 -23.55 -13.05
C LEU A 29 6.11 -23.56 -14.56
N SER A 30 6.02 -24.76 -15.18
CA SER A 30 5.96 -24.83 -16.63
C SER A 30 4.62 -24.36 -17.16
N ASP A 31 3.54 -24.63 -16.42
CA ASP A 31 2.20 -24.31 -16.91
C ASP A 31 1.95 -22.80 -16.90
N LYS A 32 2.30 -22.13 -15.80
CA LYS A 32 1.96 -20.73 -15.60
C LYS A 32 3.16 -19.83 -15.88
N ALA A 33 2.87 -18.55 -16.07
CA ALA A 33 3.88 -17.55 -16.35
C ALA A 33 4.47 -17.00 -15.06
N VAL A 34 5.58 -16.29 -15.21
CA VAL A 34 6.28 -15.67 -14.07
C VAL A 34 6.26 -14.17 -14.27
N GLY A 35 5.81 -13.45 -13.23
CA GLY A 35 5.64 -12.01 -13.31
C GLY A 35 6.30 -11.28 -12.15
N TRP A 36 6.15 -9.97 -12.17
CA TRP A 36 6.70 -9.09 -11.14
C TRP A 36 5.63 -8.14 -10.64
N VAL A 37 5.47 -8.08 -9.33
CA VAL A 37 4.53 -7.16 -8.67
C VAL A 37 5.31 -6.41 -7.60
N ARG A 38 5.12 -5.09 -7.55
CA ARG A 38 5.81 -4.26 -6.58
C ARG A 38 4.79 -3.48 -5.76
N GLN A 39 5.19 -3.13 -4.54
CA GLN A 39 4.37 -2.33 -3.64
C GLN A 39 5.25 -1.34 -2.89
N ALA A 40 5.00 -0.05 -3.11
CA ALA A 40 5.66 0.99 -2.35
C ALA A 40 5.10 1.03 -0.93
N PRO A 41 5.87 1.54 0.03
CA PRO A 41 5.39 1.56 1.42
C PRO A 41 4.11 2.37 1.56
N GLY A 42 3.11 1.77 2.19
CA GLY A 42 1.81 2.41 2.33
C GLY A 42 1.13 2.71 1.02
N LYS A 43 1.26 1.82 0.04
CA LYS A 43 0.67 1.99 -1.27
C LYS A 43 0.07 0.69 -1.74
N ALA A 44 -0.72 0.76 -2.80
CA ALA A 44 -1.36 -0.42 -3.35
C ALA A 44 -0.37 -1.22 -4.20
N LEU A 45 -0.64 -2.52 -4.32
CA LEU A 45 0.17 -3.37 -5.18
C LEU A 45 0.07 -2.89 -6.62
N GLU A 46 1.20 -2.91 -7.31
CA GLU A 46 1.27 -2.43 -8.69
C GLU A 46 1.83 -3.53 -9.58
N TRP A 47 1.15 -3.77 -10.69
CA TRP A 47 1.57 -4.81 -11.63
C TRP A 47 2.62 -4.25 -12.58
N LEU A 48 3.70 -5.02 -12.78
CA LEU A 48 4.80 -4.60 -13.65
C LEU A 48 4.76 -5.32 -14.99
N GLY A 49 4.81 -6.65 -14.98
CA GLY A 49 4.79 -7.40 -16.21
C GLY A 49 5.03 -8.87 -15.93
N SER A 50 5.10 -9.64 -17.01
CA SER A 50 5.26 -11.08 -16.90
C SER A 50 5.87 -11.62 -18.19
N ILE A 51 6.36 -12.86 -18.10
CA ILE A 51 6.89 -13.58 -19.26
C ILE A 51 6.49 -15.05 -19.11
N ASP A 52 6.07 -15.65 -20.22
CA ASP A 52 5.54 -17.01 -20.19
C ASP A 52 6.62 -18.01 -20.56
N THR A 53 6.22 -19.28 -20.70
CA THR A 53 7.18 -20.33 -21.01
C THR A 53 7.79 -20.14 -22.39
N GLY A 54 6.99 -19.67 -23.36
CA GLY A 54 7.47 -19.47 -24.72
C GLY A 54 8.32 -18.24 -24.93
N GLY A 55 8.48 -17.41 -23.90
CA GLY A 55 9.31 -16.22 -24.00
C GLY A 55 8.57 -14.94 -24.34
N ASN A 56 7.24 -14.96 -24.39
CA ASN A 56 6.48 -13.75 -24.68
C ASN A 56 6.31 -12.92 -23.42
N ALA A 57 6.50 -11.61 -23.55
CA ALA A 57 6.47 -10.69 -22.43
C ALA A 57 5.36 -9.66 -22.60
N GLY A 58 4.65 -9.40 -21.51
CA GLY A 58 3.64 -8.36 -21.49
C GLY A 58 3.82 -7.49 -20.26
N TYR A 59 3.58 -6.19 -20.43
CA TYR A 59 3.92 -5.21 -19.41
C TYR A 59 2.74 -4.30 -19.09
N ASN A 60 2.82 -3.67 -17.93
CA ASN A 60 1.96 -2.56 -17.57
C ASN A 60 2.15 -1.43 -18.59
N PRO A 61 1.08 -0.99 -19.27
CA PRO A 61 1.27 0.04 -20.31
C PRO A 61 1.86 1.33 -19.78
N GLY A 62 1.44 1.78 -18.59
CA GLY A 62 2.00 2.99 -18.02
C GLY A 62 3.46 2.90 -17.65
N LEU A 63 4.04 1.70 -17.66
CA LEU A 63 5.44 1.51 -17.30
C LEU A 63 6.21 0.71 -18.33
N LYS A 64 5.57 0.24 -19.40
CA LYS A 64 6.26 -0.58 -20.40
C LYS A 64 7.46 0.12 -20.99
N SER A 65 7.45 1.47 -21.02
CA SER A 65 8.57 2.21 -21.57
C SER A 65 9.84 2.01 -20.76
N ARG A 66 9.70 1.74 -19.45
CA ARG A 66 10.86 1.60 -18.56
C ARG A 66 11.09 0.17 -18.11
N LEU A 67 10.42 -0.81 -18.71
CA LEU A 67 10.42 -2.18 -18.21
C LEU A 67 10.97 -3.14 -19.24
N SER A 68 11.78 -4.09 -18.77
CA SER A 68 12.29 -5.18 -19.58
C SER A 68 12.33 -6.43 -18.71
N ILE A 69 11.72 -7.51 -19.20
CA ILE A 69 11.66 -8.78 -18.48
C ILE A 69 12.13 -9.89 -19.42
N THR A 70 13.17 -10.61 -19.01
CA THR A 70 13.72 -11.72 -19.75
C THR A 70 13.90 -12.90 -18.81
N GLN A 71 14.13 -14.09 -19.40
CA GLN A 71 14.24 -15.31 -18.61
C GLN A 71 15.40 -16.15 -19.11
N ASP A 72 16.03 -16.86 -18.17
CA ASP A 72 17.13 -17.78 -18.45
C ASP A 72 16.64 -19.19 -18.13
N ASN A 73 16.40 -19.99 -19.17
CA ASN A 73 15.78 -21.29 -18.98
C ASN A 73 16.71 -22.25 -18.25
N SER A 74 18.01 -22.20 -18.55
CA SER A 74 18.95 -23.14 -17.95
C SER A 74 19.08 -22.93 -16.45
N LYS A 75 19.22 -21.67 -16.03
CA LYS A 75 19.27 -21.35 -14.60
C LYS A 75 17.88 -21.26 -13.97
N SER A 76 16.82 -21.36 -14.78
CA SER A 76 15.45 -21.19 -14.31
C SER A 76 15.29 -19.87 -13.55
N GLN A 77 15.83 -18.81 -14.15
CA GLN A 77 15.80 -17.48 -13.56
C GLN A 77 15.07 -16.52 -14.49
N VAL A 78 14.31 -15.59 -13.90
CA VAL A 78 13.63 -14.53 -14.62
C VAL A 78 14.18 -13.20 -14.11
N SER A 79 14.47 -12.30 -15.04
CA SER A 79 15.09 -11.02 -14.70
C SER A 79 14.15 -9.86 -15.00
N LEU A 80 14.31 -8.79 -14.23
CA LEU A 80 13.51 -7.58 -14.38
C LEU A 80 14.45 -6.37 -14.44
N SER A 81 14.08 -5.39 -15.25
CA SER A 81 14.87 -4.17 -15.39
C SER A 81 13.95 -2.96 -15.40
N VAL A 82 14.22 -2.02 -14.50
CA VAL A 82 13.49 -0.74 -14.43
C VAL A 82 14.50 0.36 -14.72
N SER A 83 14.32 1.06 -15.83
CA SER A 83 15.28 2.06 -16.28
C SER A 83 15.00 3.43 -15.70
N THR A 84 16.06 4.19 -15.45
CA THR A 84 16.00 5.56 -14.96
C THR A 84 15.08 5.67 -13.75
N VAL A 85 15.54 5.06 -12.66
CA VAL A 85 14.74 4.95 -11.45
C VAL A 85 14.74 6.29 -10.71
N THR A 86 13.60 6.62 -10.12
CA THR A 86 13.45 7.76 -9.23
C THR A 86 13.14 7.26 -7.82
N THR A 87 13.02 8.20 -6.89
CA THR A 87 12.69 7.82 -5.52
C THR A 87 11.32 7.17 -5.41
N GLU A 88 10.46 7.35 -6.42
CA GLU A 88 9.16 6.71 -6.41
C GLU A 88 9.23 5.21 -6.68
N ASP A 89 10.35 4.73 -7.25
CA ASP A 89 10.52 3.31 -7.53
C ASP A 89 11.01 2.52 -6.32
N SER A 90 11.20 3.18 -5.17
CA SER A 90 11.48 2.45 -3.94
C SER A 90 10.24 1.66 -3.53
N ALA A 91 10.37 0.33 -3.50
CA ALA A 91 9.23 -0.53 -3.23
C ALA A 91 9.73 -1.93 -2.93
N THR A 92 8.82 -2.78 -2.48
CA THR A 92 9.08 -4.20 -2.31
C THR A 92 8.67 -4.93 -3.58
N TYR A 93 9.61 -5.63 -4.20
CA TYR A 93 9.38 -6.27 -5.49
C TYR A 93 9.17 -7.76 -5.29
N TYR A 94 8.00 -8.25 -5.71
CA TYR A 94 7.63 -9.65 -5.57
C TYR A 94 7.79 -10.37 -6.90
N CYS A 95 8.49 -11.51 -6.88
CA CYS A 95 8.43 -12.45 -7.98
C CYS A 95 7.22 -13.36 -7.79
N THR A 96 6.49 -13.60 -8.88
CA THR A 96 5.24 -14.33 -8.79
C THR A 96 5.12 -15.34 -9.93
N THR A 97 4.23 -16.31 -9.75
CA THR A 97 3.72 -17.15 -10.83
C THR A 97 2.31 -16.70 -11.13
N VAL A 98 2.00 -16.52 -12.41
CA VAL A 98 0.77 -15.86 -12.84
C VAL A 98 0.04 -16.75 -13.84
N HIS A 99 -1.27 -16.88 -13.65
CA HIS A 99 -2.13 -17.57 -14.61
C HIS A 99 -2.71 -16.56 -15.59
N GLN A 100 -2.42 -16.74 -16.88
CA GLN A 100 -2.90 -15.87 -17.94
C GLN A 100 -3.52 -16.72 -19.03
N LYS A 101 -4.77 -16.43 -19.37
CA LYS A 101 -5.46 -17.18 -20.42
C LYS A 101 -6.56 -16.30 -21.02
N THR A 102 -6.54 -16.14 -22.33
CA THR A 102 -7.58 -15.44 -23.06
C THR A 102 -8.51 -16.48 -23.70
N THR A 103 -9.80 -16.38 -23.38
CA THR A 103 -10.79 -17.31 -23.92
C THR A 103 -11.95 -16.53 -24.49
N LYS A 104 -12.77 -17.21 -25.29
CA LYS A 104 -13.95 -16.63 -25.92
C LYS A 104 -15.19 -17.24 -25.30
N GLN A 105 -16.04 -16.40 -24.71
CA GLN A 105 -17.23 -16.84 -24.01
C GLN A 105 -18.44 -16.02 -24.44
N LYS A 106 -19.62 -16.58 -24.18
CA LYS A 106 -20.87 -15.89 -24.50
C LYS A 106 -21.19 -14.87 -23.43
N SER A 107 -21.51 -13.65 -23.85
CA SER A 107 -21.90 -12.60 -22.93
C SER A 107 -22.85 -11.65 -23.64
N CYS A 108 -23.30 -10.63 -22.93
CA CYS A 108 -24.29 -9.67 -23.42
C CYS A 108 -23.71 -8.30 -23.13
N PRO A 109 -22.94 -7.72 -24.05
CA PRO A 109 -22.30 -6.43 -23.76
C PRO A 109 -23.33 -5.32 -23.54
N GLU A 110 -22.91 -4.27 -22.82
CA GLU A 110 -23.85 -3.25 -22.38
C GLU A 110 -24.40 -2.44 -23.56
N GLY A 111 -23.52 -1.86 -24.37
CA GLY A 111 -23.96 -1.06 -25.51
C GLY A 111 -24.65 -1.85 -26.60
N TRP A 112 -24.58 -3.18 -26.55
CA TRP A 112 -25.21 -4.02 -27.55
C TRP A 112 -26.73 -3.82 -27.55
N SER A 113 -27.31 -3.70 -28.74
CA SER A 113 -28.73 -3.43 -28.87
C SER A 113 -29.61 -4.65 -28.61
N PHE A 114 -29.02 -5.85 -28.51
CA PHE A 114 -29.76 -7.07 -28.23
C PHE A 114 -29.42 -7.65 -26.85
N ALA A 115 -28.80 -6.85 -25.99
CA ALA A 115 -28.41 -7.35 -24.66
C ALA A 115 -29.61 -7.66 -23.79
N ASP A 116 -30.71 -6.95 -23.98
CA ASP A 116 -31.91 -7.18 -23.17
C ASP A 116 -32.62 -8.49 -23.51
N ARG A 117 -32.20 -9.18 -24.57
CA ARG A 117 -32.76 -10.47 -24.94
C ARG A 117 -31.70 -11.56 -24.94
N CYS A 118 -30.73 -11.46 -24.03
CA CYS A 118 -29.56 -12.32 -23.96
C CYS A 118 -29.36 -12.75 -22.52
N TYR A 119 -29.08 -14.04 -22.32
CA TYR A 119 -29.16 -14.66 -21.01
C TYR A 119 -27.83 -14.79 -20.28
N TYR A 120 -26.70 -14.53 -20.93
CA TYR A 120 -25.40 -14.90 -20.40
C TYR A 120 -24.73 -13.80 -19.59
N GLY A 121 -25.43 -12.72 -19.27
CA GLY A 121 -24.90 -11.71 -18.39
C GLY A 121 -23.97 -10.74 -19.08
N SER A 122 -23.73 -9.61 -18.41
CA SER A 122 -22.90 -8.55 -18.99
C SER A 122 -21.41 -8.85 -18.86
N GLY A 123 -21.00 -9.65 -17.88
CA GLY A 123 -19.59 -9.95 -17.70
C GLY A 123 -19.05 -10.79 -18.84
N SER A 124 -17.87 -10.41 -19.33
CA SER A 124 -17.24 -11.14 -20.43
C SER A 124 -16.96 -12.58 -20.05
N CYS A 125 -16.47 -12.80 -18.83
CA CYS A 125 -16.14 -14.14 -18.35
C CYS A 125 -17.39 -14.76 -17.73
N SER A 126 -18.26 -15.27 -18.60
CA SER A 126 -19.50 -15.88 -18.15
C SER A 126 -19.35 -17.35 -17.80
N GLY A 127 -18.35 -18.03 -18.37
CA GLY A 127 -18.14 -19.44 -18.15
C GLY A 127 -18.72 -20.35 -19.21
N TYR A 128 -19.27 -19.79 -20.28
CA TYR A 128 -19.89 -20.58 -21.34
C TYR A 128 -19.14 -20.30 -22.64
N ASP A 129 -18.39 -21.29 -23.10
CA ASP A 129 -17.50 -21.09 -24.23
C ASP A 129 -18.27 -20.94 -25.53
N CYS A 130 -17.71 -20.17 -26.46
CA CYS A 130 -18.24 -20.02 -27.80
C CYS A 130 -17.08 -19.97 -28.78
N TYR A 131 -17.41 -20.12 -30.06
CA TYR A 131 -16.45 -20.00 -31.14
C TYR A 131 -16.91 -18.91 -32.10
N GLY A 132 -15.95 -18.30 -32.78
CA GLY A 132 -16.25 -17.14 -33.61
C GLY A 132 -16.01 -15.85 -32.83
N ASP A 133 -16.61 -14.78 -33.33
CA ASP A 133 -16.43 -13.47 -32.71
C ASP A 133 -17.64 -12.60 -32.97
N GLY A 134 -18.04 -11.84 -31.94
CA GLY A 134 -19.07 -10.84 -32.08
C GLY A 134 -20.48 -11.41 -31.96
N ASP A 135 -21.43 -10.62 -32.46
CA ASP A 135 -22.83 -10.99 -32.46
C ASP A 135 -23.03 -12.35 -33.13
N SER A 136 -23.79 -13.22 -32.46
CA SER A 136 -24.06 -14.54 -33.02
C SER A 136 -24.98 -14.48 -34.24
N GLY A 137 -25.73 -13.40 -34.39
CA GLY A 137 -26.69 -13.29 -35.47
C GLY A 137 -28.02 -13.96 -35.20
N GLY A 138 -28.23 -14.53 -34.02
CA GLY A 138 -29.44 -15.28 -33.74
C GLY A 138 -30.41 -14.57 -32.82
N CYS A 139 -30.32 -13.25 -32.73
CA CYS A 139 -31.21 -12.46 -31.89
C CYS A 139 -32.44 -12.06 -32.67
N GLY A 140 -33.61 -12.23 -32.04
CA GLY A 140 -34.88 -11.93 -32.65
C GLY A 140 -35.70 -10.99 -31.80
N ALA A 141 -37.02 -11.03 -32.02
CA ALA A 141 -37.93 -10.16 -31.30
C ALA A 141 -38.05 -10.55 -29.83
N TYR A 142 -37.82 -11.82 -29.51
CA TYR A 142 -37.94 -12.31 -28.15
C TYR A 142 -36.62 -12.88 -27.67
N SER A 143 -36.49 -13.01 -26.36
CA SER A 143 -35.25 -13.51 -25.76
C SER A 143 -35.02 -14.97 -26.15
N SER A 144 -33.75 -15.32 -26.34
CA SER A 144 -33.39 -16.67 -26.75
C SER A 144 -31.96 -16.95 -26.32
N TYR A 145 -31.66 -18.24 -26.09
CA TYR A 145 -30.31 -18.64 -25.75
C TYR A 145 -29.38 -18.63 -26.97
N HIS A 146 -29.93 -18.50 -28.17
CA HIS A 146 -29.13 -18.31 -29.37
C HIS A 146 -28.71 -16.86 -29.56
N CYS A 147 -29.17 -15.95 -28.71
CA CYS A 147 -28.84 -14.53 -28.80
C CYS A 147 -27.71 -14.23 -27.83
N TYR A 148 -26.51 -14.03 -28.37
CA TYR A 148 -25.35 -13.75 -27.53
C TYR A 148 -24.25 -13.13 -28.39
N THR A 149 -23.22 -12.64 -27.71
CA THR A 149 -22.01 -12.14 -28.34
C THR A 149 -20.83 -12.98 -27.86
N CYS A 150 -19.96 -13.37 -28.80
CA CYS A 150 -18.74 -14.11 -28.48
C CYS A 150 -17.64 -13.11 -28.21
N THR A 151 -17.37 -12.86 -26.93
CA THR A 151 -16.42 -11.84 -26.49
C THR A 151 -15.16 -12.49 -25.92
N TYR A 152 -14.13 -11.66 -25.76
CA TYR A 152 -12.88 -12.08 -25.16
C TYR A 152 -12.97 -12.00 -23.64
N CYS A 153 -12.61 -13.08 -22.97
CA CYS A 153 -12.56 -13.14 -21.52
C CYS A 153 -11.10 -13.27 -21.09
N TYR A 154 -10.60 -12.28 -20.36
CA TYR A 154 -9.21 -12.24 -19.92
C TYR A 154 -9.15 -12.77 -18.49
N GLU A 155 -8.56 -13.96 -18.33
CA GLU A 155 -8.38 -14.59 -17.03
C GLU A 155 -7.00 -14.26 -16.50
N TRP A 156 -6.93 -13.79 -15.26
CA TRP A 156 -5.67 -13.41 -14.65
C TRP A 156 -5.76 -13.55 -13.14
N TYR A 157 -4.73 -14.13 -12.53
CA TYR A 157 -4.55 -14.14 -11.09
C TYR A 157 -3.16 -14.67 -10.78
N VAL A 158 -2.60 -14.20 -9.67
CA VAL A 158 -1.29 -14.66 -9.22
C VAL A 158 -1.45 -15.97 -8.47
N ASP A 159 -0.70 -16.99 -8.87
CA ASP A 159 -0.78 -18.29 -8.23
C ASP A 159 0.05 -18.33 -6.95
N ALA A 160 1.34 -18.07 -7.06
CA ALA A 160 2.25 -18.09 -5.93
C ALA A 160 3.03 -16.79 -5.85
N TRP A 161 3.33 -16.38 -4.62
CA TRP A 161 4.05 -15.14 -4.35
C TRP A 161 5.39 -15.43 -3.70
N GLY A 162 6.41 -14.69 -4.11
CA GLY A 162 7.67 -14.69 -3.39
C GLY A 162 7.59 -13.85 -2.14
N GLN A 163 8.65 -13.94 -1.32
CA GLN A 163 8.67 -13.16 -0.09
C GLN A 163 8.85 -11.67 -0.36
N GLY A 164 9.44 -11.32 -1.49
CA GLY A 164 9.63 -9.92 -1.83
C GLY A 164 11.01 -9.43 -1.45
N LEU A 165 11.47 -8.39 -2.15
CA LEU A 165 12.77 -7.79 -1.91
C LEU A 165 12.61 -6.27 -1.87
N LEU A 166 12.88 -5.67 -0.73
CA LEU A 166 12.79 -4.22 -0.60
C LEU A 166 13.96 -3.56 -1.29
N VAL A 167 13.67 -2.60 -2.16
CA VAL A 167 14.68 -1.87 -2.91
C VAL A 167 14.48 -0.37 -2.66
N THR A 168 15.56 0.32 -2.29
CA THR A 168 15.53 1.75 -2.01
C THR A 168 16.29 2.49 -3.10
N VAL A 169 15.70 3.56 -3.61
CA VAL A 169 16.30 4.39 -4.64
C VAL A 169 16.66 5.73 -4.00
N SER A 170 17.96 5.98 -3.84
CA SER A 170 18.42 7.24 -3.29
C SER A 170 19.89 7.43 -3.65
N SER A 171 20.26 8.68 -3.95
CA SER A 171 21.64 9.03 -4.27
C SER A 171 22.44 9.45 -3.05
N ALA A 172 21.81 9.47 -1.87
CA ALA A 172 22.48 9.97 -0.68
C ALA A 172 23.50 8.97 -0.16
N SER A 173 24.59 9.49 0.38
CA SER A 173 25.54 8.70 1.13
C SER A 173 25.10 8.63 2.59
N THR A 174 25.87 7.93 3.42
CA THR A 174 25.56 7.86 4.84
C THR A 174 25.62 9.26 5.44
N THR A 175 24.49 9.72 5.98
CA THR A 175 24.33 11.09 6.45
C THR A 175 23.88 11.09 7.90
N ALA A 176 24.53 11.88 8.73
CA ALA A 176 24.15 11.98 10.12
C ALA A 176 22.81 12.70 10.25
N PRO A 177 21.93 12.24 11.13
CA PRO A 177 20.64 12.91 11.31
C PRO A 177 20.78 14.23 12.04
N LYS A 178 19.77 15.08 11.84
CA LYS A 178 19.64 16.34 12.56
C LYS A 178 18.43 16.24 13.47
N VAL A 179 18.62 16.54 14.75
CA VAL A 179 17.60 16.36 15.78
C VAL A 179 16.99 17.71 16.11
N TYR A 180 15.67 17.80 16.01
CA TYR A 180 14.92 19.02 16.32
C TYR A 180 13.88 18.73 17.40
N PRO A 181 13.58 19.70 18.25
CA PRO A 181 12.56 19.49 19.28
C PRO A 181 11.14 19.59 18.73
N LEU A 182 10.25 18.81 19.33
CA LEU A 182 8.83 18.83 19.02
C LEU A 182 8.08 19.36 20.23
N SER A 183 7.65 20.61 20.16
CA SER A 183 6.87 21.24 21.22
C SER A 183 5.64 21.89 20.62
N SER A 184 4.54 21.86 21.38
CA SER A 184 3.29 22.42 20.90
C SER A 184 3.38 23.95 20.83
N CYS A 185 2.53 24.52 19.98
CA CYS A 185 2.48 25.97 19.78
C CYS A 185 2.04 26.70 21.03
N CYS A 186 0.72 26.71 21.27
CA CYS A 186 0.09 27.48 22.35
C CYS A 186 0.61 28.91 22.42
N THR A 195 2.18 16.26 25.60
CA THR A 195 3.02 15.39 24.77
C THR A 195 4.13 16.16 24.08
N LEU A 196 5.33 15.59 24.06
CA LEU A 196 6.49 16.20 23.40
C LEU A 196 7.23 15.11 22.64
N GLY A 197 8.20 15.55 21.83
CA GLY A 197 8.92 14.57 21.05
C GLY A 197 10.19 15.11 20.45
N CYS A 198 10.89 14.25 19.72
CA CYS A 198 12.12 14.60 19.02
C CYS A 198 12.03 14.13 17.59
N LEU A 199 12.34 15.02 16.66
CA LEU A 199 12.34 14.72 15.24
C LEU A 199 13.76 14.37 14.80
N VAL A 200 13.94 13.16 14.30
CA VAL A 200 15.22 12.68 13.80
C VAL A 200 15.14 12.75 12.28
N SER A 201 15.74 13.79 11.69
CA SER A 201 15.47 14.20 10.32
C SER A 201 16.66 13.92 9.41
N SER A 202 16.37 13.34 8.24
CA SER A 202 17.27 13.31 7.09
C SER A 202 18.56 12.56 7.41
N TYR A 203 18.42 11.24 7.58
CA TYR A 203 19.57 10.38 7.84
C TYR A 203 19.57 9.20 6.88
N MET A 204 20.72 8.55 6.80
CA MET A 204 21.00 7.43 5.92
C MET A 204 22.04 6.57 6.64
N PRO A 205 21.95 5.24 6.58
CA PRO A 205 20.97 4.39 5.89
C PRO A 205 20.09 3.56 6.82
N GLU A 206 19.84 4.03 8.06
CA GLU A 206 19.12 3.33 9.12
C GLU A 206 20.04 2.31 9.80
N PRO A 207 19.82 2.00 11.09
CA PRO A 207 18.81 2.60 11.95
C PRO A 207 19.37 3.70 12.85
N VAL A 208 18.50 4.31 13.67
CA VAL A 208 18.92 5.23 14.71
C VAL A 208 18.33 4.77 16.03
N THR A 209 19.07 4.94 17.10
CA THR A 209 18.65 4.51 18.43
C THR A 209 18.29 5.75 19.25
N VAL A 210 17.07 5.78 19.76
CA VAL A 210 16.56 6.92 20.50
C VAL A 210 16.27 6.50 21.94
N THR A 211 16.84 7.24 22.89
CA THR A 211 16.50 7.12 24.29
C THR A 211 16.09 8.49 24.82
N TRP A 212 15.65 8.52 26.07
CA TRP A 212 15.26 9.77 26.72
C TRP A 212 15.88 9.83 28.10
N ASN A 213 16.49 10.97 28.42
CA ASN A 213 17.18 11.17 29.70
C ASN A 213 18.19 10.06 29.94
N SER A 214 18.91 9.68 28.88
CA SER A 214 19.98 8.68 28.94
C SER A 214 19.48 7.33 29.47
N GLY A 215 18.22 7.02 29.21
CA GLY A 215 17.63 5.77 29.65
C GLY A 215 16.80 5.88 30.91
N ALA A 216 16.81 7.03 31.58
CA ALA A 216 16.01 7.18 32.80
C ALA A 216 14.53 7.30 32.49
N LEU A 217 14.15 7.56 31.24
CA LEU A 217 12.76 7.59 30.82
C LEU A 217 12.60 6.68 29.61
N LYS A 218 11.78 5.64 29.76
CA LYS A 218 11.55 4.67 28.71
C LYS A 218 10.07 4.29 28.65
N SER A 219 9.41 4.24 29.81
CA SER A 219 7.98 4.02 29.85
C SER A 219 7.25 5.26 29.34
N GLY A 220 6.13 5.03 28.65
CA GLY A 220 5.41 6.13 28.06
C GLY A 220 6.07 6.75 26.85
N VAL A 221 7.05 6.05 26.26
CA VAL A 221 7.78 6.54 25.09
C VAL A 221 7.45 5.64 23.91
N HIS A 222 7.14 6.25 22.78
CA HIS A 222 6.86 5.53 21.54
C HIS A 222 7.67 6.16 20.42
N THR A 223 8.62 5.41 19.88
CA THR A 223 9.41 5.84 18.74
C THR A 223 8.83 5.19 17.49
N PHE A 224 8.55 6.01 16.48
CA PHE A 224 7.85 5.57 15.28
C PHE A 224 8.81 4.93 14.29
N PRO A 225 8.29 4.16 13.34
CA PRO A 225 9.12 3.75 12.20
C PRO A 225 9.49 4.94 11.35
N ALA A 226 10.59 4.78 10.60
CA ALA A 226 11.06 5.85 9.75
C ALA A 226 10.26 5.91 8.45
N VAL A 227 10.28 7.08 7.82
CA VAL A 227 9.74 7.27 6.48
C VAL A 227 10.89 7.54 5.53
N LEU A 228 10.73 7.12 4.29
CA LEU A 228 11.64 7.48 3.21
C LEU A 228 11.05 8.67 2.49
N GLN A 229 11.71 9.81 2.56
CA GLN A 229 11.20 11.04 1.99
C GLN A 229 11.72 11.23 0.57
N SER A 230 11.13 12.20 -0.14
CA SER A 230 11.50 12.47 -1.52
C SER A 230 12.94 12.95 -1.67
N SER A 231 13.60 13.31 -0.56
CA SER A 231 15.00 13.68 -0.60
C SER A 231 15.92 12.47 -0.72
N GLY A 232 15.40 11.26 -0.57
CA GLY A 232 16.24 10.08 -0.48
C GLY A 232 16.79 9.80 0.90
N LEU A 233 16.28 10.47 1.92
CA LEU A 233 16.75 10.34 3.29
C LEU A 233 15.61 9.88 4.19
N TYR A 234 15.98 9.33 5.34
CA TYR A 234 15.02 8.79 6.29
C TYR A 234 14.75 9.77 7.41
N SER A 235 13.55 9.69 7.98
CA SER A 235 13.16 10.53 9.10
C SER A 235 12.21 9.74 10.00
N LEU A 236 12.41 9.86 11.31
CA LEU A 236 11.48 9.28 12.28
C LEU A 236 11.28 10.27 13.41
N SER A 237 10.32 9.95 14.28
CA SER A 237 10.01 10.75 15.46
C SER A 237 9.89 9.84 16.66
N SER A 238 10.23 10.38 17.82
CA SER A 238 10.05 9.71 19.11
C SER A 238 9.16 10.56 19.98
N MET A 239 8.19 9.94 20.64
CA MET A 239 7.13 10.65 21.34
C MET A 239 7.16 10.30 22.83
N VAL A 240 6.89 11.30 23.67
CA VAL A 240 6.88 11.14 25.12
C VAL A 240 5.51 11.59 25.64
N THR A 241 4.89 10.73 26.45
CA THR A 241 3.64 11.05 27.13
C THR A 241 3.91 11.15 28.63
N VAL A 242 3.67 12.32 29.19
CA VAL A 242 3.99 12.61 30.58
C VAL A 242 2.77 12.29 31.44
N PRO A 243 2.89 11.43 32.46
CA PRO A 243 1.72 11.11 33.29
C PRO A 243 1.66 11.91 34.57
N GLY A 244 0.55 11.78 35.30
CA GLY A 244 0.41 12.35 36.63
C GLY A 244 0.34 13.85 36.70
N SER A 245 0.27 14.55 35.56
CA SER A 245 0.21 16.00 35.49
C SER A 245 1.38 16.67 36.21
N THR A 246 2.49 15.96 36.38
CA THR A 246 3.67 16.53 37.01
C THR A 246 4.33 17.50 36.04
N SER A 247 4.51 18.75 36.47
CA SER A 247 5.05 19.80 35.64
C SER A 247 6.38 20.29 36.19
N GLY A 248 7.22 20.81 35.30
CA GLY A 248 8.50 21.38 35.70
C GLY A 248 9.64 20.38 35.72
N GLN A 249 9.67 19.47 34.74
CA GLN A 249 10.78 18.53 34.60
C GLN A 249 11.31 18.62 33.18
N THR A 250 12.63 18.79 33.05
CA THR A 250 13.23 18.91 31.73
C THR A 250 13.28 17.55 31.04
N PHE A 251 13.08 17.56 29.73
CA PHE A 251 13.07 16.34 28.92
C PHE A 251 14.12 16.46 27.83
N THR A 252 14.96 15.44 27.71
CA THR A 252 16.07 15.45 26.76
C THR A 252 16.14 14.09 26.07
N CYS A 253 16.13 14.10 24.74
CA CYS A 253 16.22 12.87 23.96
C CYS A 253 17.64 12.67 23.47
N ASN A 254 18.07 11.40 23.44
CA ASN A 254 19.40 11.01 23.00
C ASN A 254 19.28 10.22 21.71
N VAL A 255 19.91 10.71 20.64
CA VAL A 255 19.85 10.09 19.33
C VAL A 255 21.26 9.67 18.94
N ALA A 256 21.42 8.41 18.55
CA ALA A 256 22.71 7.86 18.15
C ALA A 256 22.58 7.21 16.78
N HIS A 257 23.47 7.60 15.85
CA HIS A 257 23.48 7.06 14.50
C HIS A 257 24.73 6.22 14.31
N PRO A 258 24.60 4.90 14.09
CA PRO A 258 25.80 4.07 13.96
C PRO A 258 26.63 4.37 12.73
N ALA A 259 25.99 4.60 11.59
CA ALA A 259 26.74 4.81 10.35
C ALA A 259 27.62 6.04 10.44
N SER A 260 27.09 7.14 10.97
CA SER A 260 27.87 8.36 11.14
C SER A 260 28.65 8.38 12.45
N SER A 261 28.47 7.38 13.31
CA SER A 261 29.12 7.34 14.62
C SER A 261 28.87 8.62 15.39
N THR A 262 27.59 8.96 15.51
CA THR A 262 27.16 10.23 16.07
C THR A 262 26.26 10.00 17.28
N LYS A 263 26.34 10.91 18.24
CA LYS A 263 25.47 10.92 19.40
C LYS A 263 25.11 12.36 19.71
N VAL A 264 23.81 12.65 19.75
CA VAL A 264 23.29 14.01 19.90
C VAL A 264 22.19 14.02 20.96
N ASP A 265 22.16 15.09 21.76
CA ASP A 265 21.13 15.31 22.75
C ASP A 265 20.43 16.64 22.48
N LYS A 266 19.11 16.66 22.62
CA LYS A 266 18.32 17.86 22.39
C LYS A 266 17.30 18.02 23.51
N ALA A 267 17.34 19.15 24.19
CA ALA A 267 16.38 19.43 25.26
C ALA A 267 15.09 19.98 24.67
N VAL A 268 13.96 19.54 25.23
CA VAL A 268 12.64 19.94 24.77
C VAL A 268 11.93 20.67 25.91
N GLU A 269 11.40 21.85 25.61
CA GLU A 269 10.72 22.67 26.60
C GLU A 269 9.84 23.68 25.87
N PRO A 270 8.72 24.11 26.47
CA PRO A 270 7.79 25.06 25.85
C PRO A 270 8.45 26.37 25.43
N ALA B 2 -5.89 2.54 -13.81
CA ALA B 2 -5.61 3.25 -12.56
C ALA B 2 -5.61 2.29 -11.37
N VAL B 3 -6.61 2.43 -10.49
CA VAL B 3 -6.72 1.61 -9.30
C VAL B 3 -8.18 1.31 -9.03
N LEU B 4 -8.44 0.14 -8.45
CA LEU B 4 -9.78 -0.21 -8.00
C LEU B 4 -9.99 0.29 -6.58
N ASN B 5 -11.19 0.80 -6.31
CA ASN B 5 -11.47 1.45 -5.03
C ASN B 5 -11.97 0.45 -4.01
N GLN B 6 -11.32 0.42 -2.86
CA GLN B 6 -11.69 -0.41 -1.71
C GLN B 6 -11.83 0.49 -0.49
N PRO B 7 -12.60 0.07 0.51
CA PRO B 7 -12.61 0.80 1.77
C PRO B 7 -11.28 0.67 2.47
N SER B 8 -10.86 1.75 3.15
CA SER B 8 -9.54 1.75 3.78
C SER B 8 -9.48 0.76 4.93
N SER B 9 -10.53 0.67 5.73
CA SER B 9 -10.54 -0.23 6.88
C SER B 9 -11.92 -0.87 7.00
N VAL B 10 -11.91 -2.08 7.57
CA VAL B 10 -13.12 -2.87 7.82
C VAL B 10 -12.89 -3.64 9.10
N SER B 11 -13.91 -3.66 9.98
CA SER B 11 -13.75 -4.31 11.27
C SER B 11 -15.00 -5.12 11.61
N GLY B 12 -14.78 -6.18 12.39
CA GLY B 12 -15.87 -7.02 12.85
C GLY B 12 -15.44 -7.82 14.06
N SER B 13 -16.44 -8.36 14.76
CA SER B 13 -16.18 -9.15 15.96
C SER B 13 -15.96 -10.62 15.60
N LEU B 14 -15.41 -11.36 16.57
CA LEU B 14 -15.17 -12.78 16.38
C LEU B 14 -16.48 -13.50 16.04
N GLY B 15 -16.46 -14.25 14.94
CA GLY B 15 -17.61 -15.03 14.53
C GLY B 15 -18.65 -14.29 13.71
N GLN B 16 -18.43 -13.01 13.41
CA GLN B 16 -19.36 -12.24 12.62
C GLN B 16 -18.96 -12.25 11.14
N ARG B 17 -19.79 -11.63 10.31
CA ARG B 17 -19.62 -11.65 8.87
C ARG B 17 -19.20 -10.26 8.38
N VAL B 18 -18.11 -10.21 7.62
CA VAL B 18 -17.61 -8.95 7.07
C VAL B 18 -17.52 -9.06 5.55
N SER B 19 -17.75 -7.93 4.89
CA SER B 19 -17.69 -7.84 3.44
C SER B 19 -16.79 -6.68 3.05
N ILE B 20 -16.00 -6.87 2.00
CA ILE B 20 -15.07 -5.88 1.50
C ILE B 20 -15.38 -5.67 0.02
N THR B 21 -15.75 -4.43 -0.34
CA THR B 21 -16.14 -4.14 -1.71
C THR B 21 -14.92 -3.75 -2.54
N CYS B 22 -15.10 -3.83 -3.86
CA CYS B 22 -14.03 -3.54 -4.82
C CYS B 22 -14.69 -3.10 -6.12
N SER B 23 -14.72 -1.78 -6.35
CA SER B 23 -15.44 -1.18 -7.46
C SER B 23 -14.46 -0.67 -8.51
N GLY B 24 -14.71 -1.03 -9.76
CA GLY B 24 -13.90 -0.56 -10.87
C GLY B 24 -14.71 -0.08 -12.05
N SER B 25 -14.45 -0.64 -13.23
CA SER B 25 -15.16 -0.25 -14.44
C SER B 25 -15.35 -1.48 -15.32
N SER B 26 -15.89 -1.25 -16.52
CA SER B 26 -16.24 -2.37 -17.41
C SER B 26 -14.99 -3.06 -17.95
N SER B 27 -13.88 -2.33 -18.10
CA SER B 27 -12.67 -2.91 -18.66
C SER B 27 -11.91 -3.77 -17.66
N ASN B 28 -12.21 -3.66 -16.37
CA ASN B 28 -11.54 -4.49 -15.38
C ASN B 28 -12.52 -5.41 -14.66
N VAL B 29 -13.19 -4.91 -13.63
CA VAL B 29 -14.11 -5.74 -12.85
C VAL B 29 -15.27 -6.21 -13.72
N GLY B 30 -15.71 -5.39 -14.67
CA GLY B 30 -16.77 -5.79 -15.58
C GLY B 30 -16.41 -7.00 -16.43
N ASN B 31 -15.12 -7.25 -16.64
CA ASN B 31 -14.69 -8.43 -17.39
C ASN B 31 -15.13 -9.72 -16.70
N GLY B 32 -15.29 -9.69 -15.37
CA GLY B 32 -15.88 -10.81 -14.67
C GLY B 32 -14.92 -11.87 -14.18
N TYR B 33 -13.66 -11.51 -13.88
CA TYR B 33 -12.66 -12.48 -13.39
C TYR B 33 -11.80 -11.77 -12.34
N VAL B 34 -12.33 -11.68 -11.13
CA VAL B 34 -11.71 -10.93 -10.04
C VAL B 34 -11.01 -11.90 -9.09
N SER B 35 -9.88 -11.46 -8.53
CA SER B 35 -9.13 -12.23 -7.56
C SER B 35 -8.99 -11.44 -6.26
N TRP B 36 -8.71 -12.16 -5.18
CA TRP B 36 -8.54 -11.57 -3.85
C TRP B 36 -7.28 -12.12 -3.22
N TYR B 37 -6.55 -11.27 -2.50
CA TYR B 37 -5.26 -11.62 -1.91
C TYR B 37 -5.18 -11.12 -0.49
N GLN B 38 -4.54 -11.91 0.38
CA GLN B 38 -4.41 -11.61 1.80
C GLN B 38 -2.95 -11.32 2.11
N LEU B 39 -2.69 -10.19 2.76
CA LEU B 39 -1.33 -9.76 3.07
C LEU B 39 -1.17 -9.62 4.57
N ILE B 40 -0.28 -10.41 5.15
CA ILE B 40 0.03 -10.38 6.57
C ILE B 40 1.47 -9.90 6.72
N PRO B 41 1.75 -8.92 7.57
CA PRO B 41 3.13 -8.43 7.70
C PRO B 41 4.08 -9.53 8.13
N GLY B 42 5.27 -9.55 7.51
CA GLY B 42 6.25 -10.58 7.75
C GLY B 42 6.03 -11.87 7.00
N SER B 43 5.01 -11.94 6.14
CA SER B 43 4.71 -13.13 5.37
C SER B 43 4.44 -12.76 3.91
N ALA B 44 4.56 -13.76 3.04
CA ALA B 44 4.33 -13.54 1.63
C ALA B 44 2.84 -13.42 1.35
N PRO B 45 2.46 -12.68 0.30
CA PRO B 45 1.04 -12.57 -0.04
C PRO B 45 0.42 -13.92 -0.36
N ARG B 46 -0.83 -14.09 0.06
CA ARG B 46 -1.55 -15.34 -0.08
C ARG B 46 -2.77 -15.13 -0.98
N THR B 47 -2.90 -15.95 -2.01
CA THR B 47 -4.04 -15.88 -2.90
C THR B 47 -5.23 -16.61 -2.30
N LEU B 48 -6.36 -15.91 -2.20
CA LEU B 48 -7.58 -16.46 -1.62
C LEU B 48 -8.61 -16.87 -2.67
N ILE B 49 -8.91 -15.98 -3.61
CA ILE B 49 -9.98 -16.18 -4.58
C ILE B 49 -9.45 -15.83 -5.96
N TYR B 50 -9.90 -16.59 -6.97
CA TYR B 50 -9.69 -16.22 -8.36
C TYR B 50 -10.97 -16.52 -9.13
N GLY B 51 -11.10 -15.87 -10.30
CA GLY B 51 -12.27 -16.06 -11.13
C GLY B 51 -13.57 -15.75 -10.42
N ASP B 52 -13.63 -14.59 -9.76
CA ASP B 52 -14.80 -14.13 -9.03
C ASP B 52 -15.12 -14.99 -7.80
N THR B 53 -15.36 -16.28 -8.00
CA THR B 53 -15.90 -17.12 -6.93
C THR B 53 -15.09 -18.37 -6.60
N SER B 54 -14.00 -18.64 -7.30
CA SER B 54 -13.23 -19.86 -7.05
C SER B 54 -12.23 -19.66 -5.93
N ARG B 55 -12.11 -20.67 -5.06
CA ARG B 55 -11.23 -20.63 -3.91
C ARG B 55 -9.90 -21.31 -4.24
N ALA B 56 -8.80 -20.65 -3.92
CA ALA B 56 -7.49 -21.25 -4.11
C ALA B 56 -7.27 -22.38 -3.11
N SER B 57 -6.29 -23.22 -3.42
CA SER B 57 -6.02 -24.39 -2.59
C SER B 57 -5.54 -23.96 -1.21
N GLY B 58 -6.10 -24.60 -0.18
CA GLY B 58 -5.76 -24.28 1.20
C GLY B 58 -6.55 -23.13 1.81
N VAL B 59 -7.49 -22.55 1.07
CA VAL B 59 -8.26 -21.40 1.55
C VAL B 59 -9.51 -21.90 2.25
N PRO B 60 -9.81 -21.42 3.45
CA PRO B 60 -10.98 -21.93 4.19
C PRO B 60 -12.29 -21.53 3.53
N ASP B 61 -13.36 -22.23 3.93
CA ASP B 61 -14.68 -22.01 3.36
C ASP B 61 -15.30 -20.70 3.80
N ARG B 62 -14.76 -20.07 4.85
CA ARG B 62 -15.30 -18.78 5.30
C ARG B 62 -15.15 -17.72 4.22
N PHE B 63 -14.02 -17.74 3.51
CA PHE B 63 -13.78 -16.77 2.45
C PHE B 63 -14.61 -17.12 1.22
N SER B 64 -15.32 -16.13 0.69
CA SER B 64 -16.11 -16.32 -0.53
C SER B 64 -16.11 -15.02 -1.31
N GLY B 65 -16.35 -15.15 -2.62
CA GLY B 65 -16.35 -13.99 -3.49
C GLY B 65 -17.61 -13.93 -4.33
N SER B 66 -17.91 -12.72 -4.80
CA SER B 66 -19.08 -12.48 -5.64
C SER B 66 -18.86 -11.18 -6.40
N ARG B 67 -19.73 -10.93 -7.38
CA ARG B 67 -19.60 -9.76 -8.23
C ARG B 67 -20.96 -9.34 -8.75
N SER B 68 -21.13 -8.03 -8.90
CA SER B 68 -22.34 -7.46 -9.51
C SER B 68 -21.89 -6.27 -10.37
N GLY B 69 -21.88 -6.47 -11.69
CA GLY B 69 -21.47 -5.40 -12.58
C GLY B 69 -20.00 -5.07 -12.40
N ASN B 70 -19.72 -3.79 -12.14
CA ASN B 70 -18.36 -3.31 -11.97
C ASN B 70 -17.93 -3.25 -10.50
N THR B 71 -18.56 -4.04 -9.64
CA THR B 71 -18.26 -4.04 -8.22
C THR B 71 -18.19 -5.48 -7.71
N ALA B 72 -17.05 -5.87 -7.18
CA ALA B 72 -16.84 -7.18 -6.59
C ALA B 72 -16.77 -7.06 -5.07
N THR B 73 -17.01 -8.17 -4.39
CA THR B 73 -17.09 -8.19 -2.93
C THR B 73 -16.48 -9.48 -2.39
N LEU B 74 -15.60 -9.34 -1.39
CA LEU B 74 -15.08 -10.47 -0.64
C LEU B 74 -15.81 -10.56 0.68
N THR B 75 -16.24 -11.77 1.05
CA THR B 75 -17.03 -12.00 2.25
C THR B 75 -16.34 -13.03 3.12
N ILE B 76 -16.28 -12.76 4.42
CA ILE B 76 -15.80 -13.70 5.42
C ILE B 76 -16.96 -13.98 6.36
N SER B 77 -17.50 -15.20 6.30
CA SER B 77 -18.73 -15.50 7.03
C SER B 77 -18.49 -15.55 8.53
N SER B 78 -17.41 -16.21 8.96
CA SER B 78 -17.06 -16.35 10.37
C SER B 78 -15.64 -15.88 10.57
N LEU B 79 -15.45 -14.83 11.35
CA LEU B 79 -14.13 -14.24 11.50
C LEU B 79 -13.35 -14.89 12.61
N GLN B 80 -12.04 -15.02 12.38
CA GLN B 80 -11.13 -15.63 13.33
C GLN B 80 -9.94 -14.71 13.54
N ALA B 81 -9.11 -15.06 14.53
CA ALA B 81 -7.99 -14.20 14.90
C ALA B 81 -6.99 -14.07 13.75
N GLU B 82 -6.74 -15.17 13.03
CA GLU B 82 -5.78 -15.17 11.94
C GLU B 82 -6.24 -14.39 10.72
N ASP B 83 -7.53 -14.02 10.66
CA ASP B 83 -8.05 -13.32 9.49
C ASP B 83 -7.59 -11.87 9.43
N GLU B 84 -7.09 -11.32 10.54
CA GLU B 84 -6.67 -9.93 10.58
C GLU B 84 -5.49 -9.71 9.64
N ALA B 85 -5.69 -8.85 8.64
CA ALA B 85 -4.69 -8.60 7.61
C ALA B 85 -5.10 -7.48 6.68
N ASP B 86 -4.36 -7.30 5.60
CA ASP B 86 -4.77 -6.44 4.49
C ASP B 86 -5.28 -7.32 3.36
N TYR B 87 -6.32 -6.84 2.67
CA TYR B 87 -6.96 -7.59 1.61
C TYR B 87 -7.02 -6.73 0.36
N PHE B 88 -6.55 -7.28 -0.75
CA PHE B 88 -6.51 -6.59 -2.03
C PHE B 88 -7.31 -7.38 -3.07
N CYS B 89 -8.02 -6.67 -3.93
CA CYS B 89 -8.67 -7.23 -5.09
C CYS B 89 -7.84 -6.93 -6.33
N ALA B 90 -8.10 -7.68 -7.40
CA ALA B 90 -7.34 -7.50 -8.64
C ALA B 90 -8.17 -8.03 -9.81
N SER B 91 -7.81 -7.59 -11.00
CA SER B 91 -8.49 -7.99 -12.22
C SER B 91 -7.64 -7.62 -13.42
N ALA B 92 -7.85 -8.35 -14.52
CA ALA B 92 -7.19 -8.01 -15.77
C ALA B 92 -7.76 -6.72 -16.34
N GLU B 93 -6.90 -5.97 -17.04
CA GLU B 93 -7.25 -4.68 -17.62
C GLU B 93 -7.20 -4.80 -19.15
N ASP B 94 -8.37 -5.11 -19.74
CA ASP B 94 -8.58 -5.30 -21.17
C ASP B 94 -7.47 -6.07 -21.88
N SER B 95 -6.79 -6.97 -21.15
CA SER B 95 -5.80 -7.87 -21.73
C SER B 95 -5.46 -8.93 -20.70
N SER B 96 -4.99 -10.08 -21.18
CA SER B 96 -4.58 -11.14 -20.28
C SER B 96 -3.26 -10.85 -19.57
N SER B 97 -2.42 -10.01 -20.14
CA SER B 97 -1.10 -9.71 -19.58
C SER B 97 -1.07 -8.39 -18.81
N ASN B 98 -2.20 -7.70 -18.70
CA ASN B 98 -2.27 -6.44 -17.96
C ASN B 98 -3.30 -6.59 -16.83
N ALA B 99 -2.91 -6.21 -15.62
CA ALA B 99 -3.77 -6.34 -14.46
C ALA B 99 -3.67 -5.09 -13.60
N VAL B 100 -4.73 -4.84 -12.84
CA VAL B 100 -4.80 -3.72 -11.91
C VAL B 100 -5.23 -4.25 -10.55
N PHE B 101 -4.77 -3.58 -9.49
CA PHE B 101 -5.06 -3.97 -8.13
C PHE B 101 -5.97 -2.94 -7.47
N GLY B 102 -6.59 -3.35 -6.36
CA GLY B 102 -7.36 -2.44 -5.55
C GLY B 102 -6.50 -1.66 -4.57
N SER B 103 -7.11 -0.66 -3.94
CA SER B 103 -6.39 0.19 -3.01
C SER B 103 -6.13 -0.48 -1.66
N GLY B 104 -6.80 -1.60 -1.37
CA GLY B 104 -6.49 -2.36 -0.18
C GLY B 104 -7.31 -2.01 1.03
N THR B 105 -7.66 -3.02 1.83
CA THR B 105 -8.49 -2.85 3.01
C THR B 105 -7.84 -3.54 4.20
N THR B 106 -7.69 -2.80 5.29
CA THR B 106 -7.17 -3.35 6.53
C THR B 106 -8.32 -3.91 7.35
N LEU B 107 -8.28 -5.21 7.64
CA LEU B 107 -9.32 -5.89 8.37
C LEU B 107 -8.84 -6.15 9.80
N THR B 108 -9.62 -5.68 10.77
CA THR B 108 -9.31 -5.80 12.19
C THR B 108 -10.38 -6.66 12.87
N VAL B 109 -9.94 -7.69 13.59
CA VAL B 109 -10.83 -8.44 14.47
C VAL B 109 -10.84 -7.72 15.82
N LEU B 110 -12.02 -7.29 16.27
CA LEU B 110 -12.11 -6.45 17.45
C LEU B 110 -11.71 -7.24 18.70
N GLY B 111 -10.81 -6.66 19.49
CA GLY B 111 -10.39 -7.28 20.73
C GLY B 111 -10.35 -6.32 21.89
N GLN B 112 -10.77 -5.08 21.63
CA GLN B 112 -10.78 -4.04 22.64
C GLN B 112 -11.72 -2.93 22.17
N PRO B 113 -12.18 -2.07 23.08
CA PRO B 113 -13.15 -1.04 22.68
C PRO B 113 -12.55 -0.04 21.70
N LYS B 114 -13.43 0.56 20.90
CA LYS B 114 -13.00 1.57 19.94
C LYS B 114 -12.47 2.80 20.67
N SER B 115 -11.37 3.35 20.15
CA SER B 115 -10.75 4.53 20.73
C SER B 115 -10.44 5.53 19.63
N PRO B 116 -10.83 6.80 19.79
CA PRO B 116 -10.53 7.81 18.78
C PRO B 116 -9.08 8.25 18.86
N PRO B 117 -8.52 8.78 17.78
CA PRO B 117 -7.10 9.16 17.80
C PRO B 117 -6.86 10.47 18.52
N SER B 118 -5.76 10.50 19.28
CA SER B 118 -5.26 11.73 19.86
C SER B 118 -4.23 12.32 18.90
N VAL B 119 -4.49 13.56 18.46
CA VAL B 119 -3.71 14.19 17.40
C VAL B 119 -3.02 15.42 17.96
N THR B 120 -1.71 15.53 17.69
CA THR B 120 -0.93 16.72 18.05
C THR B 120 -0.11 17.12 16.85
N LEU B 121 -0.32 18.34 16.36
CA LEU B 121 0.41 18.88 15.22
C LEU B 121 1.52 19.80 15.73
N PHE B 122 2.77 19.41 15.46
CA PHE B 122 3.93 20.16 15.95
C PHE B 122 4.44 21.13 14.89
N PRO B 123 4.73 22.37 15.26
CA PRO B 123 5.32 23.31 14.31
C PRO B 123 6.79 23.00 14.09
N PRO B 124 7.42 23.56 13.06
CA PRO B 124 8.87 23.39 12.91
C PRO B 124 9.60 24.14 14.00
N SER B 125 10.68 23.54 14.49
CA SER B 125 11.44 24.14 15.57
C SER B 125 12.17 25.39 15.09
N THR B 126 12.52 26.24 16.05
CA THR B 126 13.31 27.42 15.73
C THR B 126 14.64 27.04 15.11
N GLU B 127 15.24 25.95 15.59
CA GLU B 127 16.53 25.50 15.07
C GLU B 127 16.41 25.08 13.60
N GLU B 128 15.31 24.43 13.23
CA GLU B 128 15.14 24.03 11.83
C GLU B 128 14.87 25.24 10.94
N LEU B 129 14.05 26.18 11.42
CA LEU B 129 13.78 27.38 10.63
C LEU B 129 15.05 28.18 10.39
N ASN B 130 15.96 28.18 11.37
CA ASN B 130 17.23 28.89 11.19
C ASN B 130 18.07 28.28 10.08
N GLY B 131 17.88 26.99 9.82
CA GLY B 131 18.47 26.32 8.69
C GLY B 131 17.67 26.43 7.41
N ASN B 132 16.66 27.30 7.39
CA ASN B 132 15.83 27.56 6.22
C ASN B 132 15.02 26.34 5.79
N LYS B 133 14.61 25.53 6.77
CA LYS B 133 13.75 24.37 6.55
C LYS B 133 12.56 24.44 7.49
N ALA B 134 11.55 23.62 7.22
CA ALA B 134 10.34 23.60 8.06
C ALA B 134 9.61 22.29 7.83
N THR B 135 9.63 21.41 8.84
CA THR B 135 8.97 20.12 8.77
C THR B 135 7.83 20.09 9.78
N LEU B 136 6.61 19.85 9.31
CA LEU B 136 5.46 19.70 10.17
C LEU B 136 5.30 18.22 10.53
N VAL B 137 5.18 17.93 11.82
CA VAL B 137 5.10 16.56 12.32
C VAL B 137 3.74 16.37 12.99
N CYS B 138 2.92 15.49 12.42
CA CYS B 138 1.61 15.17 12.96
C CYS B 138 1.69 13.79 13.61
N LEU B 139 1.62 13.76 14.94
CA LEU B 139 1.73 12.52 15.69
C LEU B 139 0.36 12.09 16.18
N ILE B 140 -0.01 10.85 15.85
CA ILE B 140 -1.34 10.32 16.10
C ILE B 140 -1.20 9.10 17.00
N SER B 141 -2.03 9.04 18.04
CA SER B 141 -1.84 8.02 19.06
C SER B 141 -3.16 7.63 19.71
N ASP B 142 -3.14 6.48 20.38
CA ASP B 142 -4.24 6.02 21.23
C ASP B 142 -5.53 5.81 20.43
N PHE B 143 -5.41 5.25 19.23
CA PHE B 143 -6.58 4.92 18.43
C PHE B 143 -6.68 3.42 18.22
N TYR B 144 -7.92 2.94 18.11
CA TYR B 144 -8.23 1.55 17.83
C TYR B 144 -9.59 1.53 17.14
N PRO B 145 -9.75 0.78 16.04
CA PRO B 145 -8.78 -0.07 15.35
C PRO B 145 -7.58 0.68 14.77
N GLY B 146 -6.49 -0.05 14.52
CA GLY B 146 -5.26 0.57 14.07
C GLY B 146 -5.22 0.92 12.60
N SER B 147 -6.02 1.90 12.19
CA SER B 147 -6.02 2.34 10.80
C SER B 147 -6.59 3.75 10.74
N VAL B 148 -5.82 4.68 10.17
CA VAL B 148 -6.26 6.06 9.98
C VAL B 148 -5.85 6.51 8.58
N THR B 149 -6.49 7.59 8.12
CA THR B 149 -6.09 8.29 6.92
C THR B 149 -5.85 9.75 7.26
N VAL B 150 -4.84 10.35 6.63
CA VAL B 150 -4.38 11.69 6.98
C VAL B 150 -4.51 12.59 5.77
N VAL B 151 -5.09 13.78 5.98
CA VAL B 151 -5.20 14.80 4.95
C VAL B 151 -4.53 16.06 5.49
N TRP B 152 -3.55 16.56 4.76
CA TRP B 152 -2.89 17.82 5.10
C TRP B 152 -3.56 18.97 4.36
N LYS B 153 -3.75 20.09 5.06
CA LYS B 153 -4.40 21.26 4.50
C LYS B 153 -3.56 22.49 4.78
N ALA B 154 -3.49 23.38 3.79
CA ALA B 154 -2.81 24.68 3.92
C ALA B 154 -3.79 25.76 3.51
N ASP B 155 -4.27 26.54 4.47
CA ASP B 155 -5.29 27.55 4.25
C ASP B 155 -6.52 26.94 3.58
N GLY B 156 -7.00 25.84 4.17
CA GLY B 156 -8.18 25.17 3.66
C GLY B 156 -8.03 24.47 2.33
N SER B 157 -6.80 24.30 1.85
CA SER B 157 -6.54 23.65 0.57
C SER B 157 -5.71 22.40 0.79
N THR B 158 -6.18 21.28 0.25
CA THR B 158 -5.48 20.01 0.40
C THR B 158 -4.15 20.06 -0.34
N ILE B 159 -3.09 19.60 0.31
CA ILE B 159 -1.76 19.51 -0.29
C ILE B 159 -1.24 18.10 -0.09
N THR B 160 -0.63 17.54 -1.13
CA THR B 160 -0.09 16.20 -1.09
C THR B 160 1.38 16.12 -1.43
N ARG B 161 2.00 17.23 -1.86
CA ARG B 161 3.41 17.21 -2.20
C ARG B 161 4.28 17.08 -0.95
N ASN B 162 5.27 16.20 -1.02
CA ASN B 162 6.25 16.00 0.05
C ASN B 162 5.56 15.65 1.37
N VAL B 163 4.64 14.68 1.30
CA VAL B 163 3.92 14.19 2.47
C VAL B 163 4.25 12.71 2.63
N GLU B 164 4.61 12.32 3.84
CA GLU B 164 4.92 10.94 4.16
C GLU B 164 4.19 10.54 5.44
N THR B 165 3.61 9.34 5.44
CA THR B 165 2.82 8.85 6.56
C THR B 165 3.20 7.40 6.84
N THR B 166 3.59 7.12 8.09
CA THR B 166 3.83 5.74 8.49
C THR B 166 2.51 5.02 8.71
N ARG B 167 2.52 3.70 8.56
CA ARG B 167 1.34 2.93 8.88
C ARG B 167 1.27 2.70 10.39
N ALA B 168 0.05 2.40 10.86
CA ALA B 168 -0.21 2.30 12.29
C ALA B 168 0.69 1.26 12.94
N SER B 169 1.29 1.64 14.07
CA SER B 169 2.16 0.76 14.84
C SER B 169 1.61 0.63 16.26
N LYS B 170 1.66 -0.59 16.78
CA LYS B 170 1.06 -0.86 18.08
C LYS B 170 1.87 -0.21 19.20
N GLN B 171 1.17 0.41 20.14
CA GLN B 171 1.79 1.04 21.29
C GLN B 171 1.99 0.03 22.41
N SER B 172 2.55 0.50 23.53
CA SER B 172 2.76 -0.37 24.68
C SER B 172 1.45 -0.72 25.36
N ASN B 173 0.45 0.16 25.28
CA ASN B 173 -0.86 -0.09 25.89
C ASN B 173 -1.79 -0.86 24.97
N SER B 174 -1.28 -1.39 23.86
CA SER B 174 -1.96 -2.18 22.83
C SER B 174 -2.82 -1.32 21.90
N LYS B 175 -2.87 -0.01 22.09
CA LYS B 175 -3.49 0.86 21.10
C LYS B 175 -2.48 1.16 20.00
N TYR B 176 -2.90 1.89 18.98
CA TYR B 176 -2.07 2.10 17.80
C TYR B 176 -1.72 3.58 17.65
N ALA B 177 -0.60 3.82 16.96
CA ALA B 177 -0.09 5.17 16.72
C ALA B 177 0.42 5.28 15.29
N ALA B 178 0.39 6.50 14.77
CA ALA B 178 0.86 6.77 13.42
C ALA B 178 1.49 8.16 13.37
N SER B 179 2.32 8.38 12.36
CA SER B 179 3.00 9.66 12.17
C SER B 179 2.89 10.11 10.72
N SER B 180 2.81 11.42 10.53
CA SER B 180 2.72 12.02 9.20
C SER B 180 3.62 13.25 9.15
N TYR B 181 4.28 13.43 8.01
CA TYR B 181 5.26 14.50 7.84
C TYR B 181 4.90 15.35 6.62
N LEU B 182 4.94 16.67 6.78
CA LEU B 182 4.81 17.62 5.67
C LEU B 182 6.08 18.46 5.64
N SER B 183 6.88 18.29 4.58
CA SER B 183 8.17 18.95 4.45
C SER B 183 8.01 20.23 3.65
N LEU B 184 8.47 21.35 4.21
CA LEU B 184 8.39 22.65 3.57
C LEU B 184 9.72 23.37 3.70
N THR B 185 9.87 24.42 2.91
CA THR B 185 10.93 25.38 3.14
C THR B 185 10.49 26.39 4.19
N SER B 186 11.45 27.10 4.76
CA SER B 186 11.11 28.13 5.74
C SER B 186 10.28 29.24 5.13
N SER B 187 10.33 29.40 3.80
CA SER B 187 9.52 30.41 3.14
C SER B 187 8.07 29.93 2.96
N ASP B 188 7.88 28.67 2.55
CA ASP B 188 6.53 28.12 2.47
C ASP B 188 5.81 28.20 3.80
N TRP B 189 6.55 27.98 4.89
CA TRP B 189 5.96 28.03 6.23
C TRP B 189 5.47 29.43 6.56
N LYS B 190 6.30 30.44 6.32
CA LYS B 190 5.94 31.82 6.62
C LYS B 190 4.97 32.41 5.61
N SER B 191 4.74 31.74 4.48
CA SER B 191 3.89 32.28 3.43
C SER B 191 2.42 31.91 3.59
N LYS B 192 2.09 30.96 4.45
CA LYS B 192 0.72 30.54 4.67
C LYS B 192 0.23 31.00 6.04
N GLY B 193 -1.08 31.18 6.16
CA GLY B 193 -1.67 31.67 7.38
C GLY B 193 -2.07 30.58 8.36
N SER B 194 -2.24 29.36 7.86
CA SER B 194 -2.66 28.25 8.70
C SER B 194 -2.36 26.92 8.01
N TYR B 195 -1.90 25.95 8.79
CA TYR B 195 -1.72 24.57 8.34
C TYR B 195 -2.54 23.66 9.24
N SER B 196 -3.07 22.59 8.66
CA SER B 196 -3.95 21.69 9.39
C SER B 196 -3.60 20.24 9.08
N CYS B 197 -3.71 19.40 10.12
CA CYS B 197 -3.58 17.95 9.98
C CYS B 197 -4.91 17.32 10.35
N GLU B 198 -5.52 16.60 9.41
CA GLU B 198 -6.83 16.02 9.59
C GLU B 198 -6.72 14.50 9.57
N VAL B 199 -7.04 13.87 10.69
CA VAL B 199 -6.92 12.42 10.85
C VAL B 199 -8.33 11.84 10.89
N THR B 200 -8.64 10.97 9.92
CA THR B 200 -9.94 10.33 9.84
C THR B 200 -9.83 8.91 10.37
N HIS B 201 -10.69 8.58 11.33
CA HIS B 201 -10.67 7.27 11.99
C HIS B 201 -12.10 6.79 12.17
N GLU B 202 -12.45 5.70 11.48
CA GLU B 202 -13.79 5.11 11.54
C GLU B 202 -14.86 6.15 11.19
N GLY B 203 -14.64 6.86 10.09
CA GLY B 203 -15.56 7.88 9.63
C GLY B 203 -15.56 9.17 10.43
N SER B 204 -14.77 9.26 11.50
CA SER B 204 -14.69 10.46 12.31
C SER B 204 -13.35 11.13 12.08
N THR B 205 -13.34 12.46 12.07
CA THR B 205 -12.17 13.25 11.73
C THR B 205 -11.78 14.16 12.89
N VAL B 206 -10.52 14.07 13.30
CA VAL B 206 -9.94 14.96 14.31
C VAL B 206 -8.94 15.86 13.60
N THR B 207 -9.03 17.17 13.87
CA THR B 207 -8.25 18.17 13.13
C THR B 207 -7.48 19.04 14.12
N LYS B 208 -6.18 19.19 13.86
CA LYS B 208 -5.33 20.12 14.59
C LYS B 208 -4.76 21.14 13.62
N THR B 209 -4.63 22.39 14.07
CA THR B 209 -4.22 23.48 13.21
C THR B 209 -3.17 24.34 13.89
N VAL B 210 -2.13 24.69 13.15
CA VAL B 210 -1.10 25.61 13.62
C VAL B 210 -1.10 26.83 12.70
N LYS B 211 -0.80 27.99 13.29
CA LYS B 211 -0.74 29.25 12.55
C LYS B 211 0.67 29.80 12.61
N PRO B 212 1.36 29.95 11.47
CA PRO B 212 2.76 30.40 11.53
C PRO B 212 2.93 31.78 12.16
N SER B 213 1.93 32.66 12.05
CA SER B 213 2.04 33.99 12.64
C SER B 213 2.00 33.92 14.17
N GLU B 214 0.94 33.32 14.72
CA GLU B 214 0.76 33.31 16.17
C GLU B 214 1.72 32.35 16.86
N CYS B 215 2.06 31.24 16.20
CA CYS B 215 2.88 30.19 16.82
C CYS B 215 4.34 30.64 16.86
N SER B 216 4.73 31.22 18.00
CA SER B 216 6.11 31.65 18.20
C SER B 216 6.40 31.84 19.69
#